data_3KM3
#
_entry.id   3KM3
#
_cell.length_a   84.660
_cell.length_b   84.660
_cell.length_c   140.740
_cell.angle_alpha   90.00
_cell.angle_beta   90.00
_cell.angle_gamma   120.00
#
_symmetry.space_group_name_H-M   'H 3'
#
loop_
_entity.id
_entity.type
_entity.pdbx_description
1 polymer 'Deoxycytidine triphosphate deaminase'
2 non-polymer 'IODIDE ION'
3 water water
#
_entity_poly.entity_id   1
_entity_poly.type   'polypeptide(L)'
_entity_poly.pdbx_seq_one_letter_code
;MAHHHHHHMGTLEAQTQGPGSMSVMPDHWIKERALKDGMISPFVDHKEGTGVLSYGLSSYGYDARLDNKFKIFANTHSVV
VDPKNFSQDSFVDREGDFCIIPPNSFMLAKTVEYFNIPRDVMVVCVGKSTYARCGIVVNVTPLEPGWSGYVTLEFSNTSP
LPVKVYAFEGACQFLFFSGKERCSKSYDEAGGKYMGQSDVTLPIIS
;
_entity_poly.pdbx_strand_id   A,B
#
loop_
_chem_comp.id
_chem_comp.type
_chem_comp.name
_chem_comp.formula
IOD non-polymer 'IODIDE ION' 'I -1'
#
# COMPACT_ATOMS: atom_id res chain seq x y z
N PRO A 19 36.07 27.96 -4.74
CA PRO A 19 36.59 29.27 -4.33
C PRO A 19 35.56 30.00 -3.49
N GLY A 20 35.94 30.50 -2.32
CA GLY A 20 35.01 31.24 -1.48
C GLY A 20 34.07 30.30 -0.74
N SER A 21 34.03 30.46 0.57
CA SER A 21 33.17 29.68 1.41
C SER A 21 31.74 30.26 1.31
N MET A 22 30.74 29.49 1.72
CA MET A 22 29.37 29.89 1.46
C MET A 22 28.56 30.16 2.74
N SER A 23 27.66 31.13 2.62
CA SER A 23 26.83 31.61 3.71
C SER A 23 25.38 31.62 3.27
N VAL A 24 24.44 31.70 4.22
CA VAL A 24 23.00 31.71 3.89
C VAL A 24 22.64 33.09 3.39
N MET A 25 22.02 33.12 2.23
CA MET A 25 21.80 34.38 1.55
C MET A 25 20.39 34.98 1.85
N PRO A 26 20.31 36.33 1.81
CA PRO A 26 19.09 36.97 2.19
C PRO A 26 18.06 37.07 1.08
N ASP A 27 16.81 37.33 1.46
CA ASP A 27 15.75 37.61 0.48
C ASP A 27 16.17 38.45 -0.72
N HIS A 28 16.81 39.60 -0.53
CA HIS A 28 17.10 40.46 -1.71
C HIS A 28 18.03 39.80 -2.73
N TRP A 29 18.97 38.99 -2.26
CA TRP A 29 19.84 38.20 -3.12
C TRP A 29 19.05 37.10 -3.86
N ILE A 30 18.16 36.42 -3.12
CA ILE A 30 17.34 35.38 -3.74
C ILE A 30 16.49 36.01 -4.85
N LYS A 31 15.92 37.17 -4.56
CA LYS A 31 15.09 37.89 -5.53
C LYS A 31 15.85 38.22 -6.85
N GLU A 32 17.05 38.79 -6.71
CA GLU A 32 17.87 39.17 -7.83
C GLU A 32 18.23 37.94 -8.68
N ARG A 33 18.58 36.83 -8.02
CA ARG A 33 18.92 35.62 -8.75
CA ARG A 33 18.90 35.59 -8.73
C ARG A 33 17.67 35.06 -9.45
N ALA A 34 16.50 35.21 -8.83
CA ALA A 34 15.27 34.67 -9.41
C ALA A 34 14.95 35.47 -10.68
N LEU A 35 14.91 36.78 -10.51
CA LEU A 35 14.56 37.73 -11.56
C LEU A 35 15.62 37.81 -12.67
N LYS A 36 16.91 37.88 -12.35
CA LYS A 36 17.89 38.05 -13.45
C LYS A 36 18.37 36.71 -14.02
N ASP A 37 18.50 35.68 -13.18
CA ASP A 37 19.14 34.43 -13.59
C ASP A 37 18.19 33.24 -13.73
N GLY A 38 16.90 33.48 -13.53
CA GLY A 38 15.87 32.45 -13.64
C GLY A 38 16.01 31.37 -12.57
N MET A 39 16.52 31.73 -11.40
CA MET A 39 16.85 30.71 -10.39
C MET A 39 15.60 30.00 -9.84
N ILE A 40 14.48 30.71 -9.75
CA ILE A 40 13.24 30.17 -9.25
C ILE A 40 12.11 30.64 -10.13
N SER A 41 11.29 29.73 -10.63
CA SER A 41 10.18 30.16 -11.48
C SER A 41 9.06 29.14 -11.39
N PRO A 42 7.82 29.60 -11.15
CA PRO A 42 7.42 30.99 -10.94
C PRO A 42 7.95 31.52 -9.61
N PHE A 43 8.05 32.84 -9.50
CA PHE A 43 8.60 33.47 -8.33
C PHE A 43 7.66 34.52 -7.80
N VAL A 44 7.41 34.46 -6.49
CA VAL A 44 6.65 35.47 -5.81
C VAL A 44 7.51 36.10 -4.76
N ASP A 45 7.56 37.43 -4.75
CA ASP A 45 8.61 38.13 -4.03
C ASP A 45 8.17 38.51 -2.63
N HIS A 46 7.19 37.79 -2.11
CA HIS A 46 6.62 38.08 -0.79
C HIS A 46 5.80 36.86 -0.40
N LYS A 47 5.33 36.86 0.84
CA LYS A 47 4.49 35.82 1.35
C LYS A 47 3.11 35.91 0.71
N GLU A 48 2.65 34.80 0.14
CA GLU A 48 1.35 34.77 -0.54
C GLU A 48 0.58 33.56 -0.10
N GLY A 49 -0.72 33.63 -0.34
CA GLY A 49 -1.58 32.48 -0.15
C GLY A 49 -2.27 32.55 1.19
N THR A 50 -3.43 31.91 1.22
CA THR A 50 -4.30 31.98 2.35
C THR A 50 -3.92 30.85 3.32
N GLY A 51 -4.03 31.14 4.61
CA GLY A 51 -3.81 30.18 5.66
C GLY A 51 -2.37 30.07 6.15
N VAL A 52 -2.11 29.01 6.92
CA VAL A 52 -0.79 28.78 7.51
C VAL A 52 0.27 28.26 6.52
N LEU A 53 -0.12 27.69 5.40
CA LEU A 53 0.83 27.11 4.45
CA LEU A 53 0.85 27.12 4.45
C LEU A 53 1.10 28.13 3.33
N SER A 54 1.67 29.26 3.71
CA SER A 54 1.93 30.28 2.73
C SER A 54 3.18 29.90 1.98
N TYR A 55 3.38 30.58 0.88
CA TYR A 55 4.52 30.36 0.03
C TYR A 55 5.12 31.70 -0.41
N GLY A 56 6.30 31.62 -0.98
CA GLY A 56 6.95 32.81 -1.54
C GLY A 56 8.21 33.15 -0.74
N LEU A 57 8.74 34.33 -0.99
CA LEU A 57 10.02 34.70 -0.48
C LEU A 57 9.91 34.97 0.98
N SER A 58 10.92 34.53 1.69
CA SER A 58 11.05 34.76 3.12
C SER A 58 12.39 35.50 3.34
N SER A 59 12.60 35.96 4.56
CA SER A 59 13.77 36.77 4.88
C SER A 59 15.08 36.11 4.49
N TYR A 60 15.17 34.79 4.66
CA TYR A 60 16.40 34.04 4.40
C TYR A 60 16.13 32.72 3.70
N GLY A 61 15.15 32.71 2.81
CA GLY A 61 14.82 31.49 2.08
C GLY A 61 13.61 31.66 1.21
N TYR A 62 13.20 30.58 0.56
CA TYR A 62 12.02 30.59 -0.27
C TYR A 62 11.10 29.43 0.04
N ASP A 63 9.86 29.75 0.40
CA ASP A 63 8.81 28.77 0.68
C ASP A 63 8.15 28.28 -0.63
N ALA A 64 8.46 27.03 -0.99
CA ALA A 64 8.01 26.42 -2.28
C ALA A 64 6.72 25.72 -2.02
N ARG A 65 6.02 25.42 -3.10
CA ARG A 65 4.69 24.86 -3.06
C ARG A 65 4.73 23.42 -3.52
N LEU A 66 3.83 22.64 -2.97
CA LEU A 66 3.64 21.28 -3.42
C LEU A 66 2.78 21.33 -4.69
N ASP A 67 3.15 20.53 -5.67
CA ASP A 67 2.31 20.34 -6.82
C ASP A 67 1.28 19.24 -6.52
N ASN A 68 0.50 18.85 -7.52
CA ASN A 68 -0.67 18.02 -7.28
C ASN A 68 -0.55 16.57 -7.74
N LYS A 69 0.70 16.12 -8.00
CA LYS A 69 0.96 14.77 -8.46
C LYS A 69 1.79 14.08 -7.41
N PHE A 70 1.30 12.98 -6.86
CA PHE A 70 1.96 12.34 -5.73
C PHE A 70 2.21 10.90 -6.05
N LYS A 71 3.31 10.38 -5.53
CA LYS A 71 3.57 8.96 -5.49
C LYS A 71 3.54 8.47 -4.04
N ILE A 72 2.61 7.56 -3.74
CA ILE A 72 2.41 7.07 -2.40
C ILE A 72 2.92 5.65 -2.32
N PHE A 73 3.82 5.42 -1.40
CA PHE A 73 4.47 4.10 -1.33
C PHE A 73 3.69 3.13 -0.44
N ALA A 74 3.78 1.85 -0.81
CA ALA A 74 3.04 0.79 -0.12
C ALA A 74 3.73 -0.53 -0.33
N ASN A 75 3.52 -1.47 0.58
CA ASN A 75 4.17 -2.77 0.53
C ASN A 75 3.40 -3.86 -0.21
N THR A 76 2.41 -3.45 -0.98
CA THR A 76 1.47 -4.37 -1.65
C THR A 76 2.13 -5.45 -2.49
N HIS A 77 3.21 -5.12 -3.18
CA HIS A 77 3.83 -6.08 -4.08
C HIS A 77 5.09 -6.81 -3.52
N SER A 78 5.51 -6.49 -2.31
CA SER A 78 6.54 -7.28 -1.59
C SER A 78 7.91 -7.29 -2.30
N VAL A 79 8.27 -6.20 -2.91
CA VAL A 79 9.58 -6.12 -3.53
C VAL A 79 10.55 -5.44 -2.64
N VAL A 80 11.77 -5.96 -2.56
CA VAL A 80 12.88 -5.26 -1.95
C VAL A 80 13.22 -4.09 -2.85
N VAL A 81 13.19 -2.87 -2.33
CA VAL A 81 13.55 -1.72 -3.12
C VAL A 81 15.08 -1.63 -3.35
N ASP A 82 15.46 -1.46 -4.60
CA ASP A 82 16.82 -1.27 -4.99
C ASP A 82 16.98 0.13 -5.49
N PRO A 83 17.72 0.98 -4.75
CA PRO A 83 17.87 2.37 -5.18
C PRO A 83 18.54 2.53 -6.53
N LYS A 84 19.27 1.52 -6.99
CA LYS A 84 19.85 1.56 -8.31
C LYS A 84 18.84 1.22 -9.43
N ASN A 85 17.69 0.62 -9.09
CA ASN A 85 16.72 0.17 -10.08
C ASN A 85 15.30 0.44 -9.65
N PHE A 86 14.76 1.58 -10.04
CA PHE A 86 13.43 1.97 -9.55
C PHE A 86 12.41 0.98 -10.05
N SER A 87 11.37 0.76 -9.25
CA SER A 87 10.29 -0.15 -9.58
C SER A 87 8.99 0.63 -9.44
N GLN A 88 8.14 0.42 -10.44
CA GLN A 88 6.80 0.96 -10.50
C GLN A 88 5.88 0.32 -9.45
N ASP A 89 6.18 -0.90 -9.01
CA ASP A 89 5.30 -1.56 -8.05
C ASP A 89 5.52 -1.13 -6.57
N SER A 90 6.45 -0.22 -6.32
CA SER A 90 6.68 0.29 -4.97
C SER A 90 5.65 1.32 -4.60
N PHE A 91 4.98 1.91 -5.58
CA PHE A 91 4.11 3.05 -5.34
C PHE A 91 2.88 3.11 -6.24
N VAL A 92 1.91 3.93 -5.83
CA VAL A 92 0.71 4.20 -6.59
C VAL A 92 0.66 5.72 -6.88
N ASP A 93 0.26 6.08 -8.09
CA ASP A 93 0.15 7.47 -8.51
C ASP A 93 -1.19 8.06 -8.04
N ARG A 94 -1.17 9.26 -7.51
CA ARG A 94 -2.39 9.97 -7.15
C ARG A 94 -2.22 11.38 -7.67
N GLU A 95 -3.32 11.98 -8.11
CA GLU A 95 -3.38 13.37 -8.53
C GLU A 95 -4.56 14.01 -7.82
N GLY A 96 -4.37 15.14 -7.19
CA GLY A 96 -5.50 15.87 -6.61
C GLY A 96 -5.08 17.03 -5.75
N ASP A 97 -6.06 17.68 -5.11
CA ASP A 97 -5.80 18.90 -4.36
C ASP A 97 -5.16 18.60 -3.03
N PHE A 98 -5.19 17.35 -2.62
CA PHE A 98 -4.46 16.93 -1.42
C PHE A 98 -4.08 15.47 -1.58
N CYS A 99 -3.17 15.01 -0.75
CA CYS A 99 -2.77 13.61 -0.70
C CYS A 99 -2.81 13.24 0.76
N ILE A 100 -3.20 12.03 1.08
CA ILE A 100 -3.09 11.57 2.45
C ILE A 100 -1.88 10.61 2.48
N ILE A 101 -0.89 10.89 3.33
CA ILE A 101 0.29 9.96 3.44
C ILE A 101 -0.07 8.90 4.49
N PRO A 102 -0.06 7.62 4.10
CA PRO A 102 -0.40 6.59 5.05
C PRO A 102 0.57 6.62 6.22
N PRO A 103 0.14 6.18 7.39
CA PRO A 103 1.08 6.13 8.49
C PRO A 103 2.35 5.33 8.20
N ASN A 104 3.45 5.78 8.75
CA ASN A 104 4.72 5.09 8.61
C ASN A 104 5.08 4.77 7.16
N SER A 105 4.79 5.69 6.26
CA SER A 105 5.16 5.52 4.84
C SER A 105 5.62 6.86 4.36
N PHE A 106 5.75 7.01 3.04
CA PHE A 106 6.19 8.27 2.47
C PHE A 106 5.58 8.52 1.12
N MET A 107 5.78 9.74 0.67
CA MET A 107 5.27 10.18 -0.59
C MET A 107 6.38 10.94 -1.33
N LEU A 108 6.41 10.83 -2.67
CA LEU A 108 7.21 11.71 -3.49
C LEU A 108 6.30 12.64 -4.25
N ALA A 109 6.66 13.91 -4.29
CA ALA A 109 5.95 14.87 -5.14
C ALA A 109 6.90 15.98 -5.55
N LYS A 110 6.59 16.68 -6.61
CA LYS A 110 7.42 17.72 -7.15
C LYS A 110 6.98 19.10 -6.61
N THR A 111 7.92 20.02 -6.52
CA THR A 111 7.56 21.41 -6.31
C THR A 111 6.85 21.95 -7.56
N VAL A 112 6.02 22.97 -7.34
CA VAL A 112 5.46 23.75 -8.40
C VAL A 112 6.59 24.56 -9.06
N GLU A 113 7.51 25.04 -8.25
CA GLU A 113 8.57 25.90 -8.73
C GLU A 113 9.62 25.09 -9.47
N TYR A 114 10.11 25.65 -10.58
CA TYR A 114 11.25 25.11 -11.27
C TYR A 114 12.48 25.87 -10.76
N PHE A 115 13.57 25.17 -10.52
CA PHE A 115 14.80 25.78 -10.05
C PHE A 115 15.95 25.67 -11.03
N ASN A 116 16.71 26.75 -11.17
CA ASN A 116 17.98 26.73 -11.89
C ASN A 116 19.05 27.27 -10.96
N ILE A 117 19.84 26.36 -10.41
CA ILE A 117 20.78 26.73 -9.38
C ILE A 117 22.09 27.07 -10.05
N PRO A 118 22.62 28.27 -9.80
CA PRO A 118 23.91 28.71 -10.35
C PRO A 118 25.11 27.89 -9.86
N ARG A 119 26.23 27.99 -10.58
CA ARG A 119 27.46 27.18 -10.32
C ARG A 119 28.15 27.59 -8.98
N ASP A 120 27.50 28.51 -8.32
CA ASP A 120 28.00 29.43 -7.33
C ASP A 120 27.18 29.20 -5.99
N VAL A 121 26.29 28.19 -5.99
CA VAL A 121 25.22 28.10 -5.03
C VAL A 121 24.87 26.65 -4.72
N MET A 122 24.58 26.42 -3.43
CA MET A 122 24.05 25.14 -2.97
C MET A 122 22.81 25.45 -2.12
N VAL A 123 21.79 24.61 -2.25
CA VAL A 123 20.48 24.88 -1.66
C VAL A 123 20.08 23.78 -0.72
N VAL A 124 19.67 24.15 0.48
CA VAL A 124 19.26 23.18 1.49
C VAL A 124 17.73 23.28 1.63
N CYS A 125 17.07 22.15 1.92
CA CYS A 125 15.65 22.08 2.02
C CYS A 125 15.22 21.73 3.44
N VAL A 126 14.31 22.54 3.98
CA VAL A 126 13.76 22.29 5.32
C VAL A 126 12.26 22.28 5.26
N GLY A 127 11.64 21.64 6.26
CA GLY A 127 10.23 21.63 6.39
C GLY A 127 9.62 22.88 6.93
N LYS A 128 8.29 22.87 6.95
CA LYS A 128 7.47 23.92 7.55
C LYS A 128 6.94 23.37 8.85
N SER A 129 6.89 24.19 9.88
CA SER A 129 6.57 23.63 11.18
C SER A 129 5.17 23.05 11.18
N THR A 130 4.29 23.57 10.33
CA THR A 130 2.90 23.10 10.29
C THR A 130 2.88 21.58 9.99
N TYR A 131 3.76 21.15 9.09
CA TYR A 131 3.85 19.70 8.75
C TYR A 131 4.73 18.92 9.72
N ALA A 132 5.85 19.53 10.14
CA ALA A 132 6.77 18.84 11.04
C ALA A 132 6.13 18.49 12.38
N ARG A 133 5.27 19.35 12.90
CA ARG A 133 4.67 19.00 14.19
CA ARG A 133 4.57 19.08 14.15
C ARG A 133 3.63 17.90 14.05
N CYS A 134 3.30 17.48 12.81
CA CYS A 134 2.43 16.30 12.58
C CYS A 134 3.21 15.01 12.32
N GLY A 135 4.54 15.08 12.42
CA GLY A 135 5.39 13.92 12.20
C GLY A 135 5.96 13.80 10.81
N ILE A 136 5.67 14.78 9.94
CA ILE A 136 6.16 14.78 8.57
C ILE A 136 7.63 15.27 8.55
N VAL A 137 8.50 14.40 8.08
CA VAL A 137 9.91 14.70 7.86
C VAL A 137 10.11 14.91 6.37
N VAL A 138 10.60 16.10 6.02
CA VAL A 138 11.02 16.40 4.66
C VAL A 138 12.43 15.88 4.52
N ASN A 139 12.65 14.98 3.59
CA ASN A 139 13.93 14.31 3.35
C ASN A 139 14.44 14.65 1.97
N VAL A 140 14.85 15.91 1.78
CA VAL A 140 15.27 16.37 0.48
C VAL A 140 16.73 16.82 0.63
N THR A 141 17.60 16.17 -0.11
CA THR A 141 19.03 16.39 0.00
C THR A 141 19.40 17.65 -0.76
N PRO A 142 20.63 18.19 -0.53
CA PRO A 142 20.85 19.54 -1.08
C PRO A 142 20.91 19.58 -2.61
N LEU A 143 20.46 20.68 -3.16
CA LEU A 143 20.58 20.89 -4.59
C LEU A 143 22.01 21.41 -4.82
N GLU A 144 22.75 20.72 -5.68
CA GLU A 144 24.14 21.03 -5.97
C GLU A 144 24.22 22.22 -6.93
N PRO A 145 25.35 22.90 -6.95
CA PRO A 145 25.53 23.93 -8.00
C PRO A 145 25.23 23.39 -9.39
N GLY A 146 24.53 24.17 -10.19
CA GLY A 146 24.25 23.80 -11.58
C GLY A 146 22.97 22.98 -11.71
N TRP A 147 22.38 22.59 -10.59
CA TRP A 147 21.18 21.80 -10.64
C TRP A 147 20.03 22.52 -11.33
N SER A 148 19.28 21.78 -12.13
CA SER A 148 18.11 22.33 -12.82
C SER A 148 16.92 21.36 -12.80
N GLY A 149 15.77 21.82 -12.37
CA GLY A 149 14.60 20.94 -12.33
C GLY A 149 13.54 21.40 -11.34
N TYR A 150 12.39 20.76 -11.38
CA TYR A 150 11.43 20.81 -10.29
C TYR A 150 12.05 19.93 -9.22
N VAL A 151 11.94 20.31 -7.96
CA VAL A 151 12.55 19.51 -6.88
C VAL A 151 11.60 18.38 -6.49
N THR A 152 12.16 17.18 -6.35
CA THR A 152 11.36 16.07 -5.92
C THR A 152 11.35 16.12 -4.39
N LEU A 153 10.17 16.37 -3.83
CA LEU A 153 10.01 16.42 -2.40
C LEU A 153 9.71 14.98 -1.92
N GLU A 154 10.38 14.60 -0.85
CA GLU A 154 10.10 13.35 -0.17
C GLU A 154 9.60 13.70 1.23
N PHE A 155 8.37 13.31 1.52
CA PHE A 155 7.70 13.54 2.76
C PHE A 155 7.54 12.18 3.46
N SER A 156 8.30 11.93 4.54
CA SER A 156 8.11 10.74 5.31
C SER A 156 7.14 10.99 6.47
N ASN A 157 6.07 10.22 6.51
CA ASN A 157 5.11 10.31 7.59
C ASN A 157 5.57 9.38 8.74
N THR A 158 6.11 9.97 9.79
CA THR A 158 6.66 9.20 10.94
C THR A 158 5.64 8.99 12.04
N SER A 159 4.40 9.44 11.80
CA SER A 159 3.35 9.18 12.75
C SER A 159 2.62 7.90 12.46
N PRO A 160 1.92 7.35 13.47
CA PRO A 160 1.15 6.14 13.29
C PRO A 160 -0.22 6.46 12.69
N LEU A 161 -0.45 7.71 12.30
CA LEU A 161 -1.78 8.07 11.73
C LEU A 161 -1.58 8.63 10.32
N PRO A 162 -2.59 8.52 9.41
CA PRO A 162 -2.49 9.13 8.09
C PRO A 162 -2.44 10.64 8.22
N VAL A 163 -1.68 11.31 7.38
CA VAL A 163 -1.54 12.75 7.46
C VAL A 163 -1.82 13.39 6.12
N LYS A 164 -2.70 14.41 6.13
CA LYS A 164 -3.12 15.11 4.91
C LYS A 164 -2.09 16.21 4.50
N VAL A 165 -1.68 16.25 3.23
CA VAL A 165 -0.82 17.35 2.69
C VAL A 165 -1.52 18.04 1.52
N TYR A 166 -1.25 19.33 1.36
CA TYR A 166 -2.06 20.18 0.53
C TYR A 166 -1.32 20.62 -0.73
N ALA A 167 -1.84 20.24 -1.89
CA ALA A 167 -1.32 20.76 -3.16
C ALA A 167 -1.48 22.28 -3.30
N PHE A 168 -0.54 22.89 -4.01
CA PHE A 168 -0.56 24.32 -4.35
C PHE A 168 -0.38 25.23 -3.17
N GLU A 169 0.03 24.67 -2.05
CA GLU A 169 0.32 25.46 -0.86
C GLU A 169 1.76 25.17 -0.43
N GLY A 170 2.27 26.02 0.46
CA GLY A 170 3.63 25.89 0.96
C GLY A 170 3.90 24.52 1.56
N ALA A 171 5.09 23.99 1.30
CA ALA A 171 5.45 22.63 1.73
C ALA A 171 6.82 22.52 2.34
N CYS A 172 7.69 23.45 2.01
CA CYS A 172 9.06 23.40 2.49
C CYS A 172 9.72 24.77 2.29
N GLN A 173 10.89 24.94 2.88
CA GLN A 173 11.65 26.15 2.64
C GLN A 173 13.04 25.82 2.09
N PHE A 174 13.45 26.51 1.05
CA PHE A 174 14.78 26.39 0.54
C PHE A 174 15.65 27.53 1.08
N LEU A 175 16.83 27.16 1.57
CA LEU A 175 17.83 28.10 2.08
C LEU A 175 19.02 28.07 1.13
N PHE A 176 19.45 29.24 0.69
CA PHE A 176 20.41 29.37 -0.40
C PHE A 176 21.76 29.71 0.17
N PHE A 177 22.77 28.90 -0.11
CA PHE A 177 24.11 29.18 0.39
C PHE A 177 24.90 29.67 -0.80
N SER A 178 25.63 30.75 -0.64
CA SER A 178 26.49 31.25 -1.73
C SER A 178 27.71 32.01 -1.20
N GLY A 179 28.61 32.33 -2.12
CA GLY A 179 29.85 33.10 -1.84
C GLY A 179 29.66 34.62 -1.95
N SER B 21 -29.39 -32.69 15.23
CA SER B 21 -28.10 -32.52 15.96
C SER B 21 -26.95 -33.07 15.10
N MET B 22 -25.88 -32.30 14.95
CA MET B 22 -24.95 -32.52 13.85
C MET B 22 -23.52 -32.95 14.23
N SER B 23 -23.02 -33.97 13.52
CA SER B 23 -21.68 -34.52 13.76
C SER B 23 -20.79 -34.41 12.52
N VAL B 24 -19.48 -34.61 12.70
CA VAL B 24 -18.53 -34.48 11.59
C VAL B 24 -18.55 -35.76 10.76
N MET B 25 -18.89 -35.61 9.48
CA MET B 25 -19.10 -36.76 8.60
C MET B 25 -17.79 -37.30 8.08
N PRO B 26 -17.72 -38.64 7.82
CA PRO B 26 -16.54 -39.25 7.23
C PRO B 26 -16.43 -39.03 5.72
N ASP B 27 -15.25 -39.32 5.19
CA ASP B 27 -14.99 -39.34 3.74
C ASP B 27 -16.09 -39.97 2.89
N HIS B 28 -16.56 -41.19 3.23
CA HIS B 28 -17.56 -41.90 2.39
C HIS B 28 -18.87 -41.10 2.22
N TRP B 29 -19.29 -40.38 3.24
CA TRP B 29 -20.46 -39.52 3.16
C TRP B 29 -20.22 -38.26 2.29
N ILE B 30 -19.05 -37.64 2.42
CA ILE B 30 -18.66 -36.52 1.55
C ILE B 30 -18.58 -37.01 0.09
N LYS B 31 -18.07 -38.24 -0.10
CA LYS B 31 -17.94 -38.85 -1.44
C LYS B 31 -19.30 -38.98 -2.10
N GLU B 32 -20.24 -39.57 -1.37
CA GLU B 32 -21.62 -39.78 -1.87
C GLU B 32 -22.32 -38.46 -2.22
N ARG B 33 -22.20 -37.46 -1.35
CA ARG B 33 -22.85 -36.18 -1.57
C ARG B 33 -22.19 -35.38 -2.69
N ALA B 34 -20.88 -35.51 -2.84
CA ALA B 34 -20.18 -34.82 -3.92
C ALA B 34 -20.60 -35.39 -5.29
N LEU B 35 -20.70 -36.71 -5.38
CA LEU B 35 -21.10 -37.37 -6.64
C LEU B 35 -22.61 -37.41 -6.89
N LYS B 36 -23.40 -37.84 -5.90
CA LYS B 36 -24.86 -38.00 -6.10
C LYS B 36 -25.64 -36.68 -5.94
N ASP B 37 -25.05 -35.68 -5.24
CA ASP B 37 -25.73 -34.37 -5.02
C ASP B 37 -24.90 -33.14 -5.44
N GLY B 38 -23.76 -33.35 -6.10
CA GLY B 38 -22.95 -32.25 -6.61
C GLY B 38 -22.59 -31.23 -5.52
N MET B 39 -22.34 -31.73 -4.31
CA MET B 39 -22.01 -30.89 -3.17
C MET B 39 -20.68 -30.18 -3.40
N ILE B 40 -19.71 -30.85 -4.03
CA ILE B 40 -18.38 -30.28 -4.28
C ILE B 40 -18.04 -30.54 -5.74
N SER B 41 -17.65 -29.50 -6.47
CA SER B 41 -17.29 -29.64 -7.88
C SER B 41 -16.17 -28.65 -8.32
N PRO B 42 -15.08 -29.17 -8.91
CA PRO B 42 -14.79 -30.59 -9.17
C PRO B 42 -14.43 -31.33 -7.90
N PHE B 43 -14.54 -32.65 -7.94
CA PHE B 43 -14.31 -33.53 -6.80
C PHE B 43 -13.24 -34.58 -7.10
N VAL B 44 -12.36 -34.81 -6.14
CA VAL B 44 -11.30 -35.80 -6.24
C VAL B 44 -11.36 -36.65 -4.98
N ASP B 45 -11.44 -37.96 -5.13
CA ASP B 45 -11.70 -38.84 -3.98
C ASP B 45 -10.48 -39.26 -3.17
N HIS B 46 -9.39 -38.51 -3.26
CA HIS B 46 -8.13 -38.84 -2.58
C HIS B 46 -7.21 -37.63 -2.54
N LYS B 47 -6.19 -37.68 -1.69
CA LYS B 47 -5.15 -36.65 -1.68
C LYS B 47 -4.34 -36.73 -2.99
N GLU B 48 -4.28 -35.59 -3.70
CA GLU B 48 -3.42 -35.41 -4.86
C GLU B 48 -2.40 -34.33 -4.50
N GLY B 49 -1.21 -34.44 -5.11
CA GLY B 49 -0.10 -33.53 -4.82
C GLY B 49 1.22 -34.28 -4.82
N VAL B 52 3.58 -31.07 0.14
CA VAL B 52 3.05 -30.45 1.34
C VAL B 52 1.65 -29.77 1.20
N LEU B 53 1.15 -29.60 -0.05
CA LEU B 53 -0.07 -28.79 -0.29
C LEU B 53 -1.10 -29.59 -1.08
N SER B 54 -1.44 -30.74 -0.50
CA SER B 54 -2.31 -31.68 -1.17
C SER B 54 -3.75 -31.13 -1.16
N TYR B 55 -4.55 -31.61 -2.11
CA TYR B 55 -5.97 -31.29 -2.10
C TYR B 55 -6.80 -32.53 -2.35
N GLY B 56 -8.10 -32.45 -2.09
CA GLY B 56 -9.01 -33.56 -2.30
C GLY B 56 -9.47 -34.19 -1.00
N LEU B 57 -10.12 -35.34 -1.15
CA LEU B 57 -10.80 -36.02 -0.06
C LEU B 57 -9.82 -36.48 1.01
N SER B 58 -10.12 -36.10 2.24
CA SER B 58 -9.39 -36.52 3.41
C SER B 58 -10.31 -37.43 4.24
N SER B 59 -9.73 -38.10 5.24
CA SER B 59 -10.47 -39.03 6.12
C SER B 59 -11.77 -38.48 6.70
N TYR B 60 -11.73 -37.21 7.05
CA TYR B 60 -12.85 -36.54 7.71
C TYR B 60 -13.09 -35.11 7.22
N GLY B 61 -12.85 -34.89 5.94
CA GLY B 61 -13.07 -33.58 5.36
C GLY B 61 -12.59 -33.50 3.94
N TYR B 62 -12.60 -32.27 3.42
CA TYR B 62 -12.20 -31.99 2.07
C TYR B 62 -11.25 -30.80 1.93
N ASP B 63 -10.06 -31.05 1.41
CA ASP B 63 -9.08 -30.00 1.17
C ASP B 63 -9.35 -29.34 -0.16
N ALA B 64 -9.73 -28.07 -0.11
CA ALA B 64 -10.05 -27.31 -1.32
C ALA B 64 -8.81 -26.58 -1.79
N ARG B 65 -8.87 -26.15 -3.06
CA ARG B 65 -7.76 -25.48 -3.73
C ARG B 65 -8.00 -23.97 -3.82
N LEU B 66 -6.91 -23.23 -3.68
CA LEU B 66 -6.86 -21.82 -3.96
C LEU B 66 -6.98 -21.58 -5.46
N ASP B 67 -7.92 -20.73 -5.87
CA ASP B 67 -7.89 -20.27 -7.25
C ASP B 67 -6.77 -19.24 -7.41
N ASN B 68 -6.63 -18.69 -8.61
CA ASN B 68 -5.51 -17.80 -8.93
C ASN B 68 -5.84 -16.32 -9.01
N LYS B 69 -6.98 -15.90 -8.46
CA LYS B 69 -7.31 -14.47 -8.37
C LYS B 69 -7.31 -14.02 -6.93
N PHE B 70 -6.59 -12.94 -6.66
CA PHE B 70 -6.35 -12.50 -5.31
C PHE B 70 -6.69 -11.02 -5.18
N LYS B 71 -7.14 -10.66 -3.99
CA LYS B 71 -7.28 -9.28 -3.60
C LYS B 71 -6.37 -9.08 -2.41
N ILE B 72 -5.33 -8.26 -2.60
CA ILE B 72 -4.36 -7.98 -1.56
C ILE B 72 -4.66 -6.64 -0.89
N PHE B 73 -4.78 -6.63 0.42
CA PHE B 73 -5.17 -5.41 1.12
C PHE B 73 -3.97 -4.53 1.45
N ALA B 74 -4.18 -3.21 1.35
CA ALA B 74 -3.14 -2.25 1.73
C ALA B 74 -3.75 -0.94 2.16
N ASN B 75 -2.99 -0.16 2.92
CA ASN B 75 -3.47 1.11 3.51
C ASN B 75 -3.25 2.36 2.67
N THR B 76 -2.92 2.12 1.39
CA THR B 76 -2.54 3.16 0.46
C THR B 76 -3.48 4.32 0.37
N HIS B 77 -4.77 4.05 0.48
CA HIS B 77 -5.75 5.12 0.32
C HIS B 77 -6.35 5.63 1.61
N SER B 78 -5.88 5.17 2.75
CA SER B 78 -6.28 5.76 4.06
C SER B 78 -7.80 5.84 4.29
N VAL B 79 -8.50 4.78 3.92
CA VAL B 79 -9.95 4.69 4.23
C VAL B 79 -10.23 3.83 5.42
N VAL B 80 -11.20 4.22 6.24
CA VAL B 80 -11.75 3.35 7.28
C VAL B 80 -12.63 2.34 6.54
N VAL B 81 -12.35 1.05 6.70
CA VAL B 81 -13.15 0.04 6.05
C VAL B 81 -14.52 -0.01 6.78
N ASP B 82 -15.59 0.20 6.02
CA ASP B 82 -16.94 -0.04 6.49
C ASP B 82 -17.43 -1.41 6.00
N PRO B 83 -17.66 -2.37 6.92
CA PRO B 83 -18.12 -3.65 6.43
C PRO B 83 -19.45 -3.60 5.68
N LYS B 84 -20.26 -2.56 5.90
CA LYS B 84 -21.54 -2.43 5.20
C LYS B 84 -21.44 -1.77 3.83
N ASN B 85 -20.24 -1.31 3.49
CA ASN B 85 -20.02 -0.48 2.32
C ASN B 85 -18.55 -0.65 1.92
N PHE B 86 -18.22 -1.83 1.42
CA PHE B 86 -16.80 -2.19 1.31
C PHE B 86 -16.22 -1.51 0.06
N SER B 87 -15.09 -0.85 0.21
CA SER B 87 -14.51 -0.02 -0.86
C SER B 87 -13.46 -0.76 -1.70
N GLN B 88 -13.52 -0.55 -2.99
CA GLN B 88 -12.51 -1.01 -3.96
C GLN B 88 -11.07 -0.53 -3.68
N ASP B 89 -10.93 0.62 -3.05
CA ASP B 89 -9.61 1.22 -2.79
C ASP B 89 -8.89 0.64 -1.58
N SER B 90 -9.49 -0.35 -0.92
CA SER B 90 -8.88 -1.06 0.18
C SER B 90 -7.92 -2.11 -0.31
N PHE B 91 -8.05 -2.59 -1.56
CA PHE B 91 -7.20 -3.67 -2.00
C PHE B 91 -6.74 -3.51 -3.43
N VAL B 92 -5.82 -4.37 -3.84
CA VAL B 92 -5.35 -4.43 -5.25
C VAL B 92 -5.58 -5.82 -5.83
N ASP B 93 -6.04 -5.92 -7.08
CA ASP B 93 -6.31 -7.22 -7.69
C ASP B 93 -5.02 -7.78 -8.25
N ARG B 94 -4.86 -9.10 -8.11
CA ARG B 94 -3.67 -9.76 -8.62
C ARG B 94 -4.14 -11.10 -9.17
N GLU B 95 -3.49 -11.54 -10.24
CA GLU B 95 -3.82 -12.83 -10.83
C GLU B 95 -2.49 -13.52 -11.11
N GLY B 96 -2.34 -14.78 -10.73
CA GLY B 96 -1.07 -15.50 -10.99
C GLY B 96 -1.00 -16.85 -10.35
N ASP B 97 0.10 -17.56 -10.58
CA ASP B 97 0.31 -18.88 -10.01
C ASP B 97 0.54 -18.85 -8.49
N PHE B 98 0.89 -17.69 -7.96
CA PHE B 98 1.06 -17.51 -6.52
C PHE B 98 0.73 -16.10 -6.13
N CYS B 99 0.57 -15.90 -4.84
CA CYS B 99 0.37 -14.57 -4.31
C CYS B 99 1.29 -14.40 -3.13
N ILE B 100 1.83 -13.20 -2.93
CA ILE B 100 2.61 -12.91 -1.75
C ILE B 100 1.74 -12.00 -0.89
N ILE B 101 1.41 -12.46 0.31
CA ILE B 101 0.62 -11.65 1.23
C ILE B 101 1.53 -10.75 2.04
N PRO B 102 1.32 -9.39 1.99
CA PRO B 102 2.19 -8.50 2.72
C PRO B 102 2.18 -8.83 4.22
N PRO B 103 3.25 -8.52 4.93
CA PRO B 103 3.24 -8.84 6.34
C PRO B 103 2.10 -8.06 7.05
N ASN B 104 1.52 -8.64 8.08
CA ASN B 104 0.47 -8.01 8.82
C ASN B 104 -0.64 -7.46 7.91
N SER B 105 -1.04 -8.23 6.92
CA SER B 105 -2.17 -7.86 6.08
C SER B 105 -2.91 -9.09 5.74
N PHE B 106 -3.81 -9.01 4.79
CA PHE B 106 -4.55 -10.20 4.40
C PHE B 106 -4.91 -10.17 2.95
N MET B 107 -5.46 -11.30 2.52
CA MET B 107 -5.82 -11.50 1.15
C MET B 107 -7.17 -12.20 1.07
N LEU B 108 -7.92 -11.89 0.02
CA LEU B 108 -9.15 -12.60 -0.28
C LEU B 108 -8.96 -13.35 -1.59
N ALA B 109 -9.46 -14.58 -1.65
CA ALA B 109 -9.42 -15.35 -2.87
C ALA B 109 -10.54 -16.38 -2.85
N LYS B 110 -10.83 -17.00 -3.97
CA LYS B 110 -11.89 -17.99 -4.00
C LYS B 110 -11.31 -19.38 -4.14
N THR B 111 -12.11 -20.35 -3.71
CA THR B 111 -11.79 -21.74 -3.93
C THR B 111 -11.96 -22.01 -5.40
N VAL B 112 -11.15 -22.93 -5.91
CA VAL B 112 -11.37 -23.48 -7.22
C VAL B 112 -12.70 -24.22 -7.20
N GLU B 113 -13.03 -24.86 -6.09
CA GLU B 113 -14.17 -25.76 -6.05
C GLU B 113 -15.46 -24.95 -5.87
N TYR B 114 -16.55 -25.43 -6.50
CA TYR B 114 -17.88 -24.89 -6.27
C TYR B 114 -18.57 -25.78 -5.28
N PHE B 115 -19.34 -25.19 -4.36
CA PHE B 115 -20.03 -25.95 -3.33
C PHE B 115 -21.55 -25.77 -3.40
N ASN B 116 -22.26 -26.86 -3.17
CA ASN B 116 -23.73 -26.86 -3.04
C ASN B 116 -24.04 -27.50 -1.69
N ILE B 117 -24.14 -26.69 -0.66
CA ILE B 117 -24.34 -27.22 0.68
C ILE B 117 -25.82 -27.49 0.84
N PRO B 118 -26.18 -28.75 1.11
CA PRO B 118 -27.58 -29.11 1.27
C PRO B 118 -28.25 -28.36 2.42
N ARG B 119 -29.58 -28.30 2.42
CA ARG B 119 -30.38 -27.71 3.52
C ARG B 119 -30.06 -28.44 4.84
N ASP B 120 -29.27 -29.48 4.71
CA ASP B 120 -29.08 -30.51 5.68
C ASP B 120 -27.80 -30.28 6.52
N VAL B 121 -26.87 -29.49 5.97
CA VAL B 121 -25.47 -29.52 6.38
C VAL B 121 -24.88 -28.13 6.69
N MET B 122 -23.92 -28.09 7.62
CA MET B 122 -23.13 -26.90 7.94
C MET B 122 -21.65 -27.24 7.75
N VAL B 123 -20.87 -26.31 7.22
CA VAL B 123 -19.49 -26.60 6.85
C VAL B 123 -18.53 -25.59 7.51
N VAL B 124 -17.57 -26.12 8.25
CA VAL B 124 -16.57 -25.35 8.96
C VAL B 124 -15.29 -25.44 8.14
N CYS B 125 -14.47 -24.39 8.18
CA CYS B 125 -13.26 -24.30 7.39
C CYS B 125 -12.06 -24.18 8.29
N VAL B 126 -11.03 -24.99 8.09
CA VAL B 126 -9.81 -24.84 8.87
C VAL B 126 -8.64 -24.71 7.92
N GLY B 127 -7.50 -24.27 8.45
CA GLY B 127 -6.30 -24.06 7.65
C GLY B 127 -5.54 -25.35 7.48
N LYS B 128 -4.51 -25.31 6.62
CA LYS B 128 -3.56 -26.42 6.48
C LYS B 128 -2.35 -26.10 7.30
N SER B 129 -1.74 -27.11 7.90
CA SER B 129 -0.60 -26.88 8.80
C SER B 129 0.60 -26.17 8.14
N THR B 130 0.81 -26.45 6.85
CA THR B 130 1.89 -25.87 6.07
C THR B 130 1.78 -24.36 6.05
N TYR B 131 0.57 -23.81 5.92
CA TYR B 131 0.41 -22.34 5.98
C TYR B 131 0.34 -21.79 7.41
N ALA B 132 -0.37 -22.49 8.29
CA ALA B 132 -0.56 -22.03 9.67
C ALA B 132 0.78 -21.83 10.38
N ARG B 133 1.71 -22.71 10.08
CA ARG B 133 3.06 -22.75 10.63
CA ARG B 133 3.02 -22.68 10.73
C ARG B 133 3.84 -21.51 10.26
N CYS B 134 3.39 -20.82 9.19
CA CYS B 134 4.00 -19.57 8.70
C CYS B 134 3.28 -18.33 9.17
N GLY B 135 2.29 -18.50 10.02
CA GLY B 135 1.54 -17.38 10.57
C GLY B 135 0.31 -17.04 9.79
N ILE B 136 -0.06 -17.83 8.78
CA ILE B 136 -1.27 -17.61 8.00
C ILE B 136 -2.49 -18.16 8.75
N VAL B 137 -3.42 -17.29 9.09
CA VAL B 137 -4.67 -17.68 9.70
C VAL B 137 -5.73 -17.64 8.63
N VAL B 138 -6.43 -18.76 8.45
CA VAL B 138 -7.61 -18.83 7.56
C VAL B 138 -8.80 -18.40 8.40
N ASN B 139 -9.50 -17.39 7.92
CA ASN B 139 -10.60 -16.72 8.67
C ASN B 139 -11.86 -16.81 7.86
N VAL B 140 -12.40 -18.01 7.80
CA VAL B 140 -13.51 -18.36 6.94
C VAL B 140 -14.63 -18.85 7.83
N THR B 141 -15.75 -18.15 7.82
CA THR B 141 -16.83 -18.46 8.75
C THR B 141 -17.66 -19.59 8.16
N PRO B 142 -18.44 -20.31 9.00
CA PRO B 142 -19.14 -21.48 8.47
C PRO B 142 -20.11 -21.24 7.32
N LEU B 143 -20.21 -22.24 6.45
CA LEU B 143 -21.14 -22.22 5.34
C LEU B 143 -22.44 -22.79 5.89
N GLU B 144 -23.49 -21.98 5.85
CA GLU B 144 -24.77 -22.35 6.43
C GLU B 144 -25.52 -23.27 5.49
N PRO B 145 -26.38 -24.15 6.05
CA PRO B 145 -27.27 -24.98 5.25
C PRO B 145 -27.87 -24.27 4.04
N GLY B 146 -27.74 -24.89 2.88
CA GLY B 146 -28.38 -24.40 1.66
C GLY B 146 -27.54 -23.43 0.87
N TRP B 147 -26.37 -23.09 1.39
CA TRP B 147 -25.48 -22.17 0.72
C TRP B 147 -24.91 -22.82 -0.56
N SER B 148 -24.74 -22.00 -1.59
CA SER B 148 -24.22 -22.43 -2.89
C SER B 148 -23.20 -21.36 -3.37
N GLY B 149 -22.05 -21.78 -3.91
CA GLY B 149 -21.01 -20.85 -4.38
C GLY B 149 -19.54 -21.31 -4.33
N TYR B 150 -18.65 -20.48 -4.87
CA TYR B 150 -17.23 -20.63 -4.62
C TYR B 150 -16.96 -19.93 -3.29
N VAL B 151 -16.19 -20.55 -2.41
CA VAL B 151 -15.99 -19.98 -1.09
C VAL B 151 -14.97 -18.84 -1.09
N THR B 152 -15.25 -17.75 -0.39
CA THR B 152 -14.29 -16.67 -0.29
C THR B 152 -13.36 -17.07 0.85
N LEU B 153 -12.09 -17.30 0.52
CA LEU B 153 -11.06 -17.59 1.52
C LEU B 153 -10.46 -16.28 1.92
N GLU B 154 -10.24 -16.12 3.22
CA GLU B 154 -9.60 -14.96 3.77
C GLU B 154 -8.35 -15.48 4.47
N PHE B 155 -7.17 -15.10 3.97
CA PHE B 155 -5.88 -15.49 4.55
CA PHE B 155 -5.90 -15.52 4.56
C PHE B 155 -5.30 -14.31 5.28
N SER B 156 -5.19 -14.38 6.59
CA SER B 156 -4.58 -13.28 7.31
C SER B 156 -3.14 -13.62 7.63
N ASN B 157 -2.23 -12.77 7.18
CA ASN B 157 -0.80 -12.97 7.42
C ASN B 157 -0.45 -12.26 8.72
N THR B 158 -0.28 -13.05 9.80
CA THR B 158 0.04 -12.55 11.12
C THR B 158 1.54 -12.47 11.37
N SER B 159 2.34 -12.76 10.36
CA SER B 159 3.77 -12.69 10.58
C SER B 159 4.28 -11.34 10.15
N PRO B 160 5.45 -10.93 10.64
CA PRO B 160 6.07 -9.69 10.22
C PRO B 160 6.75 -9.79 8.86
N LEU B 161 6.67 -10.96 8.19
CA LEU B 161 7.31 -11.14 6.86
C LEU B 161 6.24 -11.44 5.82
N PRO B 162 6.51 -11.07 4.57
CA PRO B 162 5.52 -11.45 3.53
C PRO B 162 5.56 -12.93 3.38
N VAL B 163 4.45 -13.56 3.02
CA VAL B 163 4.39 -15.00 2.90
C VAL B 163 3.73 -15.38 1.59
N LYS B 164 4.31 -16.38 0.92
CA LYS B 164 3.88 -16.81 -0.40
C LYS B 164 2.79 -17.88 -0.28
N VAL B 165 1.73 -17.77 -1.08
CA VAL B 165 0.68 -18.78 -1.19
C VAL B 165 0.47 -19.22 -2.64
N TYR B 166 0.09 -20.48 -2.82
CA TYR B 166 0.16 -21.11 -4.13
C TYR B 166 -1.20 -21.37 -4.75
N ALA B 167 -1.43 -20.83 -5.94
CA ALA B 167 -2.65 -21.12 -6.67
C ALA B 167 -2.69 -22.59 -7.09
N PHE B 168 -3.90 -23.14 -7.16
CA PHE B 168 -4.19 -24.48 -7.68
C PHE B 168 -3.74 -25.60 -6.79
N GLU B 169 -3.37 -25.28 -5.56
CA GLU B 169 -2.90 -26.27 -4.62
C GLU B 169 -3.75 -26.11 -3.39
N GLY B 170 -3.74 -27.12 -2.53
CA GLY B 170 -4.50 -27.12 -1.30
C GLY B 170 -4.33 -25.90 -0.45
N ALA B 171 -5.43 -25.39 0.13
CA ALA B 171 -5.34 -24.15 0.92
C ALA B 171 -6.08 -24.17 2.27
N CYS B 172 -7.05 -25.07 2.39
CA CYS B 172 -7.83 -25.23 3.60
C CYS B 172 -8.54 -26.58 3.58
N GLN B 173 -9.07 -26.98 4.72
CA GLN B 173 -9.92 -28.14 4.82
C GLN B 173 -11.31 -27.71 5.28
N PHE B 174 -12.33 -28.24 4.62
CA PHE B 174 -13.71 -28.12 5.10
C PHE B 174 -14.14 -29.34 5.86
N LEU B 175 -14.86 -29.12 6.96
CA LEU B 175 -15.36 -30.22 7.76
C LEU B 175 -16.89 -30.13 7.68
N PHE B 176 -17.51 -31.25 7.32
CA PHE B 176 -18.93 -31.28 7.05
C PHE B 176 -19.68 -31.82 8.26
N PHE B 177 -20.52 -30.97 8.85
CA PHE B 177 -21.39 -31.33 9.95
C PHE B 177 -22.79 -31.64 9.42
N SER B 178 -23.35 -32.79 9.81
CA SER B 178 -24.76 -33.12 9.55
C SER B 178 -25.34 -33.94 10.71
I IOD C . 13.48 41.63 -0.98
I IOD D . 16.10 42.53 -8.46
I IOD E . -8.21 20.53 -0.12
I IOD F . 7.93 12.61 -8.27
I IOD G . 13.75 20.42 9.03
I IOD H . 12.42 17.84 -13.24
I IOD I . 38.27 29.20 1.34
I IOD J . -4.98 10.32 -1.24
I IOD K . -14.07 -42.92 0.53
I IOD L . -22.16 -41.80 8.05
I IOD M . -12.95 -12.62 -3.38
I IOD N . 4.66 -20.93 -8.36
I IOD O . -7.41 -23.75 12.03
I IOD P . -20.37 -42.84 -3.99
I IOD Q . -15.31 -6.68 -5.40
I IOD R . 1.92 -10.92 -5.51
#